data_5AJO
#
_entry.id   5AJO
#
_cell.length_a   87.203
_cell.length_b   87.203
_cell.length_c   179.074
_cell.angle_alpha   90.00
_cell.angle_beta   90.00
_cell.angle_gamma   90.00
#
_symmetry.space_group_name_H-M   'I 41'
#
loop_
_entity.id
_entity.type
_entity.pdbx_description
1 polymer 'POLYPEPTIDE N-ACETYLGALACTOSAMINYLTRANSFERASE 2'
2 polymer MUCIN
3 non-polymer 2-acetamido-2-deoxy-alpha-D-galactopyranose
4 non-polymer 'SULFATE ION'
5 water water
#
loop_
_entity_poly.entity_id
_entity_poly.type
_entity_poly.pdbx_seq_one_letter_code
_entity_poly.pdbx_strand_id
1 'polypeptide(L)'
;MRRRSRMLLCFAFLWVLGIAYYMYSGGGSALAGGAGGGAGRKEDWNEIDPIKKKDLHHSNGEEKAQSMETLPPGKVRWPD
FNQEAYVGGTMVRSGQDPYARNKFNQVESDKLRMDRAIPDTRHDQCQRKQWRVDLPATSVVITFHNEARSALLRTVVSVL
KKSPPHLIKEIILVDDYSNDPEDGALLGKIEKVRVLRNDRREGLMRSRVRGADAAQAKVLTFLDSHCECNEHWLEPLLER
VAEDRTRVVSPIIDVINMDNFQYVGASADLKGGFDWNLVFKWDYMTPEQRRSRQGNPVAPIKTPMIAGGLFVMDKFYFEE
LGKYDMMMDVWGGENLEISFRVWQCGGSLEIIPCSRVGHVFRKQHPYTFPGGSGTVFARNTRRAAEVWMDEYKNFYYAAV
PSARNVPYGNIQSRLELRKKLSCKPFKWYLENVYPELRVPDHQDIAFGALQQGTNCLDTLGHFADGVVGVYECHNAGGNQ
EWALTKEKSVKHMDLCLTVVDRAPGSLIKLQGCREDDSRQKWEQIEGNSKLRHVGSNLCLDSRTAKSGGLSVEVCGPALS
QQWKFTLNLQQ
;
A
2 'polypeptide(L)' AGTTPSPVPTTSTTSAA B
#
# COMPACT_ATOMS: atom_id res chain seq x y z
N LYS A 75 0.04 36.87 -2.68
CA LYS A 75 0.27 38.13 -1.93
C LYS A 75 -0.45 38.19 -0.57
N VAL A 76 -0.81 37.06 0.03
CA VAL A 76 -0.94 37.03 1.50
C VAL A 76 0.07 36.04 2.06
N ARG A 77 0.80 36.46 3.09
CA ARG A 77 1.69 35.55 3.78
C ARG A 77 0.82 34.55 4.52
N TRP A 78 1.25 33.30 4.63
CA TRP A 78 0.34 32.27 5.14
C TRP A 78 -0.24 32.58 6.54
N PRO A 79 0.53 33.21 7.46
CA PRO A 79 -0.06 33.45 8.78
C PRO A 79 -1.25 34.40 8.71
N ASP A 80 -1.36 35.17 7.63
CA ASP A 80 -2.45 36.15 7.47
C ASP A 80 -3.63 35.61 6.67
N PHE A 81 -3.58 34.33 6.28
CA PHE A 81 -4.67 33.76 5.53
C PHE A 81 -5.83 33.53 6.47
N ASN A 82 -7.03 33.87 6.00
CA ASN A 82 -8.24 33.78 6.82
C ASN A 82 -8.84 32.39 6.62
N GLN A 83 -8.43 31.51 7.50
CA GLN A 83 -8.91 30.14 7.47
C GLN A 83 -10.39 30.02 7.76
N GLU A 84 -10.89 30.91 8.63
CA GLU A 84 -12.26 30.84 9.05
C GLU A 84 -13.18 31.10 7.86
N ALA A 85 -12.83 32.11 7.08
CA ALA A 85 -13.61 32.46 5.89
C ALA A 85 -13.46 31.43 4.78
N TYR A 86 -12.28 30.82 4.68
CA TYR A 86 -12.05 29.82 3.67
C TYR A 86 -12.83 28.56 3.94
N VAL A 87 -12.74 28.02 5.13
CA VAL A 87 -13.50 26.80 5.40
C VAL A 87 -14.99 27.15 5.27
N GLY A 88 -15.37 28.24 5.93
CA GLY A 88 -16.65 28.85 5.60
C GLY A 88 -17.92 28.03 5.53
N GLY A 89 -18.60 28.16 4.40
CA GLY A 89 -19.87 27.50 4.17
C GLY A 89 -19.74 26.04 3.87
N THR A 90 -18.49 25.54 3.82
CA THR A 90 -18.25 24.09 3.58
C THR A 90 -18.24 23.29 4.87
N MET A 91 -18.44 23.92 6.02
CA MET A 91 -18.61 23.18 7.25
C MET A 91 -19.80 22.22 7.17
N VAL A 92 -19.69 21.14 7.93
CA VAL A 92 -20.71 20.10 8.00
C VAL A 92 -21.94 20.61 8.76
N ARG A 93 -23.10 20.50 8.13
CA ARG A 93 -24.36 20.84 8.81
C ARG A 93 -24.73 19.69 9.74
N SER A 94 -25.40 20.01 10.84
CA SER A 94 -25.82 18.95 11.78
C SER A 94 -26.79 18.04 11.05
N GLY A 95 -26.51 16.75 11.07
CA GLY A 95 -27.31 15.81 10.28
C GLY A 95 -26.64 15.30 9.02
N GLN A 96 -25.65 16.03 8.49
CA GLN A 96 -24.90 15.56 7.34
C GLN A 96 -23.78 14.65 7.84
N ASP A 97 -23.41 13.66 7.05
CA ASP A 97 -22.37 12.70 7.42
C ASP A 97 -21.00 13.39 7.41
N PRO A 98 -20.34 13.46 8.58
CA PRO A 98 -19.02 14.15 8.61
C PRO A 98 -17.99 13.48 7.75
N TYR A 99 -18.21 12.20 7.40
CA TYR A 99 -17.28 11.39 6.62
C TYR A 99 -17.59 11.35 5.13
N ALA A 100 -18.68 12.00 4.72
CA ALA A 100 -19.10 11.93 3.31
C ALA A 100 -18.08 12.55 2.35
N ARG A 101 -17.53 13.71 2.65
CA ARG A 101 -16.71 14.40 1.63
C ARG A 101 -15.46 13.56 1.26
N ASN A 102 -14.77 12.98 2.24
CA ASN A 102 -13.50 12.28 1.94
CA ASN A 102 -13.47 12.33 2.04
C ASN A 102 -13.08 11.15 2.91
N LYS A 103 -14.03 10.49 3.53
CA LYS A 103 -13.76 9.28 4.31
C LYS A 103 -12.87 9.55 5.54
N PHE A 104 -12.97 10.75 6.08
CA PHE A 104 -12.45 11.06 7.40
C PHE A 104 -13.38 12.07 8.06
N ASN A 105 -13.23 12.30 9.34
CA ASN A 105 -14.19 13.14 10.06
C ASN A 105 -13.90 14.61 9.83
N GLN A 106 -14.66 15.20 8.92
CA GLN A 106 -14.45 16.61 8.58
C GLN A 106 -14.79 17.56 9.72
N VAL A 107 -15.71 17.18 10.61
CA VAL A 107 -15.98 17.98 11.79
C VAL A 107 -14.71 18.16 12.63
N GLU A 108 -13.97 17.07 12.84
CA GLU A 108 -12.74 17.16 13.61
C GLU A 108 -11.64 17.87 12.85
N SER A 109 -11.56 17.66 11.55
CA SER A 109 -10.56 18.41 10.76
C SER A 109 -10.82 19.91 10.80
N ASP A 110 -12.09 20.31 10.73
CA ASP A 110 -12.40 21.73 10.68
C ASP A 110 -12.17 22.46 12.02
N LYS A 111 -12.15 21.72 13.13
CA LYS A 111 -11.83 22.26 14.46
C LYS A 111 -10.37 22.67 14.62
N LEU A 112 -9.49 22.10 13.79
CA LEU A 112 -8.07 22.37 13.94
C LEU A 112 -7.63 23.63 13.22
N ARG A 113 -6.68 24.33 13.79
CA ARG A 113 -6.04 25.42 13.11
C ARG A 113 -5.12 24.95 12.01
N MET A 114 -4.97 25.79 10.99
CA MET A 114 -4.16 25.49 9.82
C MET A 114 -2.71 25.20 10.17
N ASP A 115 -2.24 25.77 11.27
CA ASP A 115 -0.85 25.65 11.72
C ASP A 115 -0.77 24.94 13.06
N ARG A 116 -1.70 24.03 13.32
CA ARG A 116 -1.75 23.37 14.61
C ARG A 116 -0.48 22.64 14.93
N ALA A 117 -0.06 22.69 16.18
CA ALA A 117 1.14 21.98 16.63
C ALA A 117 0.94 20.49 16.59
N ILE A 118 2.01 19.80 16.20
CA ILE A 118 2.04 18.35 16.19
C ILE A 118 3.31 17.90 16.91
N PRO A 119 3.25 16.70 17.49
CA PRO A 119 4.44 16.24 18.21
C PRO A 119 5.58 15.89 17.27
N ASP A 120 6.80 16.06 17.77
CA ASP A 120 8.00 15.72 17.01
C ASP A 120 8.28 14.24 17.25
N THR A 121 7.91 13.42 16.28
CA THR A 121 8.05 11.99 16.34
C THR A 121 9.40 11.45 15.89
N ARG A 122 10.32 12.33 15.52
CA ARG A 122 11.64 11.86 15.09
C ARG A 122 12.42 11.23 16.22
N HIS A 123 13.25 10.27 15.86
CA HIS A 123 14.25 9.77 16.79
C HIS A 123 15.12 10.89 17.28
N ASP A 124 15.54 10.82 18.53
CA ASP A 124 16.41 11.86 19.09
C ASP A 124 17.69 12.13 18.28
N GLN A 125 18.23 11.12 17.61
CA GLN A 125 19.43 11.33 16.79
C GLN A 125 19.23 12.22 15.60
N CYS A 126 17.98 12.42 15.21
CA CYS A 126 17.70 13.32 14.11
C CYS A 126 17.92 14.79 14.43
N GLN A 127 17.95 15.13 15.72
CA GLN A 127 18.13 16.52 16.11
C GLN A 127 19.59 16.97 16.00
N ARG A 128 20.50 16.04 15.77
CA ARG A 128 21.93 16.34 15.80
C ARG A 128 22.50 16.56 14.40
N LYS A 129 21.61 16.85 13.44
CA LYS A 129 22.00 16.98 12.04
C LYS A 129 21.87 18.43 11.63
N GLN A 130 22.82 18.84 10.80
CA GLN A 130 22.93 20.14 10.25
C GLN A 130 23.00 20.01 8.73
N TRP A 131 22.41 20.92 7.95
CA TRP A 131 22.45 20.80 6.47
C TRP A 131 23.07 22.00 5.81
N ARG A 132 23.69 21.78 4.66
CA ARG A 132 24.19 22.92 3.89
C ARG A 132 23.04 23.80 3.40
N VAL A 133 23.32 25.09 3.29
CA VAL A 133 22.31 26.02 2.84
C VAL A 133 22.03 25.86 1.37
N ASP A 134 22.91 25.23 0.62
CA ASP A 134 22.76 25.09 -0.84
C ASP A 134 22.10 23.78 -1.31
N LEU A 135 21.34 23.13 -0.44
CA LEU A 135 20.50 22.03 -0.89
C LEU A 135 19.62 22.55 -2.01
N PRO A 136 19.30 21.69 -2.99
CA PRO A 136 18.48 22.14 -4.11
C PRO A 136 17.03 22.39 -3.69
N ALA A 137 16.47 23.50 -4.14
CA ALA A 137 15.05 23.78 -3.88
C ALA A 137 14.16 22.81 -4.63
N THR A 138 12.94 22.70 -4.12
CA THR A 138 11.96 21.79 -4.72
C THR A 138 10.69 22.51 -5.09
N SER A 139 10.01 21.97 -6.11
CA SER A 139 8.65 22.34 -6.45
C SER A 139 7.78 21.25 -5.83
N VAL A 140 6.89 21.66 -4.93
CA VAL A 140 5.97 20.72 -4.25
C VAL A 140 4.70 20.63 -5.09
N VAL A 141 4.33 19.44 -5.52
CA VAL A 141 3.18 19.25 -6.38
C VAL A 141 2.16 18.46 -5.56
N ILE A 142 0.99 19.08 -5.33
CA ILE A 142 -0.09 18.44 -4.59
C ILE A 142 -1.29 18.37 -5.50
N THR A 143 -1.71 17.15 -5.81
CA THR A 143 -2.89 16.95 -6.64
C THR A 143 -4.07 16.65 -5.72
N PHE A 144 -5.27 17.06 -6.11
CA PHE A 144 -6.42 16.83 -5.27
C PHE A 144 -7.72 16.76 -6.04
N HIS A 145 -8.70 16.07 -5.46
CA HIS A 145 -10.04 16.03 -6.03
C HIS A 145 -11.04 15.99 -4.88
N ASN A 146 -11.78 17.09 -4.74
CA ASN A 146 -12.77 17.20 -3.67
C ASN A 146 -12.20 16.93 -2.30
N GLU A 147 -11.12 17.60 -1.98
CA GLU A 147 -10.52 17.48 -0.65
C GLU A 147 -11.30 18.39 0.32
N ALA A 148 -11.29 18.03 1.61
CA ALA A 148 -11.82 18.91 2.61
C ALA A 148 -10.97 20.16 2.67
N ARG A 149 -11.60 21.33 2.60
CA ARG A 149 -10.85 22.56 2.64
C ARG A 149 -9.91 22.65 3.83
N SER A 150 -10.36 22.27 5.03
CA SER A 150 -9.48 22.41 6.18
C SER A 150 -8.23 21.55 6.06
N ALA A 151 -8.38 20.34 5.52
CA ALA A 151 -7.26 19.44 5.37
C ALA A 151 -6.31 19.93 4.25
N LEU A 152 -6.85 20.42 3.14
CA LEU A 152 -6.03 20.92 2.06
C LEU A 152 -5.17 22.13 2.52
N LEU A 153 -5.85 23.08 3.18
CA LEU A 153 -5.14 24.23 3.73
C LEU A 153 -4.03 23.83 4.70
N ARG A 154 -4.34 22.91 5.62
CA ARG A 154 -3.38 22.48 6.61
C ARG A 154 -2.17 21.78 5.96
N THR A 155 -2.38 21.04 4.87
CA THR A 155 -1.27 20.46 4.13
C THR A 155 -0.33 21.56 3.64
N VAL A 156 -0.93 22.55 2.94
CA VAL A 156 -0.16 23.65 2.36
C VAL A 156 0.57 24.42 3.44
N VAL A 157 -0.14 24.76 4.53
CA VAL A 157 0.51 25.52 5.60
C VAL A 157 1.62 24.71 6.25
N SER A 158 1.43 23.41 6.42
CA SER A 158 2.51 22.62 7.02
C SER A 158 3.80 22.66 6.18
N VAL A 159 3.66 22.62 4.87
CA VAL A 159 4.82 22.75 3.98
C VAL A 159 5.44 24.12 4.20
N LEU A 160 4.64 25.15 4.21
CA LEU A 160 5.22 26.50 4.30
C LEU A 160 5.84 26.77 5.68
N LYS A 161 5.23 26.26 6.74
CA LYS A 161 5.69 26.51 8.12
C LYS A 161 6.91 25.70 8.46
N LYS A 162 6.98 24.45 8.01
CA LYS A 162 8.05 23.54 8.45
C LYS A 162 9.23 23.46 7.54
N SER A 163 9.14 24.03 6.34
CA SER A 163 10.24 23.94 5.35
C SER A 163 11.03 25.24 5.34
N PRO A 164 12.37 25.18 5.28
CA PRO A 164 13.10 26.43 5.01
C PRO A 164 12.54 27.10 3.74
N PRO A 165 12.14 28.39 3.82
CA PRO A 165 11.50 28.97 2.64
C PRO A 165 12.31 28.92 1.37
N HIS A 166 13.64 29.05 1.46
CA HIS A 166 14.45 28.98 0.25
C HIS A 166 14.39 27.66 -0.48
N LEU A 167 13.98 26.60 0.22
CA LEU A 167 13.90 25.28 -0.37
C LEU A 167 12.52 25.02 -0.99
N ILE A 168 11.58 25.93 -0.79
CA ILE A 168 10.27 25.81 -1.44
C ILE A 168 10.26 26.81 -2.60
N LYS A 169 10.55 26.32 -3.79
CA LYS A 169 10.50 27.18 -4.99
C LYS A 169 9.04 27.63 -5.21
N GLU A 170 8.11 26.69 -5.04
CA GLU A 170 6.69 26.90 -5.29
C GLU A 170 5.94 25.69 -4.76
N ILE A 171 4.67 25.90 -4.49
CA ILE A 171 3.71 24.82 -4.26
C ILE A 171 2.72 24.88 -5.41
N ILE A 172 2.67 23.83 -6.21
CA ILE A 172 1.74 23.73 -7.33
C ILE A 172 0.58 22.84 -6.89
N LEU A 173 -0.60 23.43 -6.80
CA LEU A 173 -1.80 22.66 -6.52
C LEU A 173 -2.43 22.29 -7.83
N VAL A 174 -2.60 21.01 -8.10
CA VAL A 174 -3.29 20.56 -9.31
C VAL A 174 -4.68 20.08 -8.88
N ASP A 175 -5.66 20.98 -9.14
CA ASP A 175 -7.06 20.72 -8.87
C ASP A 175 -7.60 19.81 -9.98
N ASP A 176 -7.78 18.53 -9.67
CA ASP A 176 -8.22 17.55 -10.67
C ASP A 176 -9.75 17.56 -10.77
N TYR A 177 -10.25 18.68 -11.26
CA TYR A 177 -11.66 18.85 -11.57
C TYR A 177 -12.54 18.64 -10.33
N SER A 178 -12.18 19.33 -9.25
CA SER A 178 -13.03 19.30 -8.07
C SER A 178 -14.35 19.99 -8.41
N ASN A 179 -15.38 19.64 -7.67
CA ASN A 179 -16.73 20.20 -7.92
C ASN A 179 -16.75 21.72 -7.82
N ASP A 180 -16.06 22.26 -6.81
CA ASP A 180 -15.98 23.69 -6.60
C ASP A 180 -14.59 24.20 -6.89
N PRO A 181 -14.39 24.95 -7.99
CA PRO A 181 -13.06 25.50 -8.27
C PRO A 181 -12.51 26.42 -7.20
N GLU A 182 -13.37 26.97 -6.34
CA GLU A 182 -12.86 27.84 -5.30
C GLU A 182 -12.02 27.13 -4.24
N ASP A 183 -12.21 25.83 -4.05
CA ASP A 183 -11.38 25.12 -3.05
C ASP A 183 -9.89 25.39 -3.33
N GLY A 184 -9.49 25.22 -4.59
CA GLY A 184 -8.12 25.56 -4.95
C GLY A 184 -7.88 27.06 -5.18
N ALA A 185 -8.77 27.73 -5.87
CA ALA A 185 -8.50 29.08 -6.31
C ALA A 185 -8.27 30.02 -5.14
N LEU A 186 -9.01 29.81 -4.07
CA LEU A 186 -8.88 30.74 -2.94
C LEU A 186 -7.50 30.59 -2.27
N LEU A 187 -6.88 29.41 -2.41
CA LEU A 187 -5.54 29.22 -1.85
C LEU A 187 -4.43 29.80 -2.70
N GLY A 188 -4.71 30.06 -3.96
CA GLY A 188 -3.76 30.72 -4.84
C GLY A 188 -3.33 32.11 -4.41
N LYS A 189 -4.09 32.72 -3.48
CA LYS A 189 -3.72 34.02 -2.89
C LYS A 189 -2.53 33.91 -1.94
N ILE A 190 -2.23 32.70 -1.49
CA ILE A 190 -1.15 32.50 -0.54
C ILE A 190 0.19 32.53 -1.24
N GLU A 191 1.13 33.22 -0.61
CA GLU A 191 2.53 33.23 -1.01
C GLU A 191 3.02 31.85 -1.48
N LYS A 192 3.54 31.78 -2.71
CA LYS A 192 4.16 30.57 -3.28
C LYS A 192 3.23 29.55 -3.88
N VAL A 193 1.95 29.72 -3.65
CA VAL A 193 0.96 28.72 -4.11
C VAL A 193 0.44 29.09 -5.48
N ARG A 194 0.60 28.21 -6.46
CA ARG A 194 0.07 28.35 -7.82
C ARG A 194 -0.96 27.26 -8.00
N VAL A 195 -2.07 27.55 -8.67
CA VAL A 195 -3.11 26.58 -8.87
C VAL A 195 -3.30 26.30 -10.35
N LEU A 196 -3.26 25.01 -10.70
CA LEU A 196 -3.60 24.55 -12.04
C LEU A 196 -4.86 23.75 -11.93
N ARG A 197 -5.88 24.05 -12.72
CA ARG A 197 -7.12 23.30 -12.65
C ARG A 197 -7.34 22.52 -13.90
N ASN A 198 -7.54 21.23 -13.76
CA ASN A 198 -7.91 20.40 -14.91
C ASN A 198 -9.37 20.60 -15.22
N ASP A 199 -9.69 20.63 -16.52
CA ASP A 199 -11.08 20.78 -16.98
C ASP A 199 -11.87 19.51 -17.00
N ARG A 200 -11.27 18.39 -16.57
CA ARG A 200 -11.94 17.13 -16.44
C ARG A 200 -11.11 16.28 -15.46
N ARG A 201 -11.70 15.23 -14.90
CA ARG A 201 -10.97 14.43 -13.91
C ARG A 201 -9.97 13.53 -14.66
N GLU A 202 -8.69 13.80 -14.46
CA GLU A 202 -7.60 13.15 -15.16
C GLU A 202 -6.98 12.00 -14.36
N GLY A 203 -7.07 12.08 -13.03
CA GLY A 203 -6.43 11.12 -12.17
C GLY A 203 -5.07 11.63 -11.64
N LEU A 204 -4.64 11.01 -10.56
CA LEU A 204 -3.40 11.40 -9.89
CA LEU A 204 -3.39 11.34 -9.87
C LEU A 204 -2.19 11.38 -10.80
N MET A 205 -1.99 10.31 -11.57
CA MET A 205 -0.75 10.21 -12.32
C MET A 205 -0.67 11.24 -13.45
N ARG A 206 -1.75 11.40 -14.23
CA ARG A 206 -1.75 12.42 -15.25
C ARG A 206 -1.65 13.80 -14.65
N SER A 207 -2.30 14.01 -13.50
CA SER A 207 -2.24 15.31 -12.83
C SER A 207 -0.85 15.65 -12.36
N ARG A 208 -0.14 14.64 -11.87
CA ARG A 208 1.25 14.84 -11.42
C ARG A 208 2.17 15.17 -12.57
N VAL A 209 1.95 14.57 -13.74
CA VAL A 209 2.72 14.94 -14.90
C VAL A 209 2.48 16.41 -15.28
N ARG A 210 1.23 16.87 -15.17
CA ARG A 210 0.98 18.26 -15.47
C ARG A 210 1.73 19.18 -14.51
N GLY A 211 1.68 18.84 -13.23
CA GLY A 211 2.39 19.63 -12.24
C GLY A 211 3.89 19.60 -12.41
N ALA A 212 4.44 18.42 -12.70
CA ALA A 212 5.87 18.27 -12.91
C ALA A 212 6.35 19.03 -14.15
N ASP A 213 5.54 19.00 -15.20
CA ASP A 213 5.87 19.78 -16.40
C ASP A 213 5.93 21.29 -16.11
N ALA A 214 5.10 21.76 -15.19
CA ALA A 214 5.03 23.17 -14.84
C ALA A 214 6.15 23.57 -13.87
N ALA A 215 6.73 22.59 -13.20
CA ALA A 215 7.69 22.83 -12.10
C ALA A 215 8.95 23.53 -12.56
N GLN A 216 9.33 24.57 -11.81
CA GLN A 216 10.54 25.33 -12.11
C GLN A 216 11.79 24.79 -11.44
N ALA A 217 11.66 24.05 -10.34
CA ALA A 217 12.82 23.59 -9.58
C ALA A 217 13.47 22.35 -10.16
N LYS A 218 14.60 21.98 -9.59
CA LYS A 218 15.35 20.82 -10.09
C LYS A 218 14.94 19.52 -9.39
N VAL A 219 14.13 19.64 -8.36
CA VAL A 219 13.68 18.48 -7.58
C VAL A 219 12.20 18.59 -7.36
N LEU A 220 11.50 17.47 -7.54
CA LEU A 220 10.05 17.38 -7.37
C LEU A 220 9.72 16.76 -6.02
N THR A 221 8.76 17.32 -5.32
CA THR A 221 8.23 16.71 -4.12
C THR A 221 6.72 16.51 -4.34
N PHE A 222 6.26 15.25 -4.27
CA PHE A 222 4.85 14.95 -4.35
C PHE A 222 4.30 14.68 -2.98
N LEU A 223 3.23 15.40 -2.60
CA LEU A 223 2.53 15.16 -1.36
C LEU A 223 1.08 14.95 -1.67
N ASP A 224 0.36 14.26 -0.79
CA ASP A 224 -1.07 14.14 -0.89
C ASP A 224 -1.72 15.34 -0.22
N SER A 225 -3.03 15.48 -0.37
CA SER A 225 -3.74 16.66 0.05
C SER A 225 -4.27 16.62 1.50
N HIS A 226 -4.00 15.52 2.21
CA HIS A 226 -4.37 15.41 3.64
C HIS A 226 -3.18 14.89 4.44
N CYS A 227 -2.13 15.72 4.44
CA CYS A 227 -0.86 15.45 5.07
CA CYS A 227 -0.97 15.38 5.20
C CYS A 227 -0.48 16.59 6.00
N GLU A 228 0.44 16.33 6.92
CA GLU A 228 1.00 17.36 7.76
C GLU A 228 2.49 17.10 7.96
N CYS A 229 3.28 17.98 7.39
CA CYS A 229 4.74 17.85 7.47
C CYS A 229 5.24 18.14 8.88
N ASN A 230 6.27 17.42 9.33
CA ASN A 230 6.83 17.63 10.68
C ASN A 230 8.15 18.39 10.62
N GLU A 231 8.75 18.53 11.79
CA GLU A 231 9.97 19.32 11.99
C GLU A 231 11.12 18.82 11.11
N HIS A 232 11.71 19.73 10.34
CA HIS A 232 12.81 19.36 9.47
C HIS A 232 12.56 18.11 8.61
N TRP A 233 11.35 18.03 8.07
CA TRP A 233 10.97 16.92 7.21
C TRP A 233 11.68 16.94 5.86
N LEU A 234 11.98 18.13 5.34
CA LEU A 234 12.39 18.24 3.95
C LEU A 234 13.89 18.01 3.70
N GLU A 235 14.71 18.60 4.54
CA GLU A 235 16.16 18.55 4.33
C GLU A 235 16.70 17.13 4.19
N PRO A 236 16.25 16.19 5.05
CA PRO A 236 16.79 14.83 4.90
C PRO A 236 16.49 14.21 3.54
N LEU A 237 15.35 14.55 2.96
CA LEU A 237 14.96 13.97 1.68
C LEU A 237 15.80 14.59 0.59
N LEU A 238 15.93 15.91 0.63
CA LEU A 238 16.73 16.60 -0.39
C LEU A 238 18.18 16.20 -0.30
N GLU A 239 18.72 16.00 0.90
CA GLU A 239 20.14 15.62 1.03
C GLU A 239 20.40 14.28 0.30
N ARG A 240 19.48 13.34 0.40
CA ARG A 240 19.66 12.05 -0.25
C ARG A 240 19.69 12.18 -1.78
N VAL A 241 18.74 12.95 -2.31
CA VAL A 241 18.58 13.09 -3.76
C VAL A 241 19.69 13.95 -4.38
N ALA A 242 20.17 14.94 -3.62
CA ALA A 242 21.26 15.79 -4.10
C ALA A 242 22.52 14.94 -4.22
N GLU A 243 22.69 13.98 -3.33
CA GLU A 243 23.88 13.13 -3.34
C GLU A 243 23.84 12.10 -4.45
N ASP A 244 22.64 11.57 -4.75
CA ASP A 244 22.50 10.57 -5.80
C ASP A 244 21.11 10.72 -6.41
N ARG A 245 21.08 11.20 -7.64
CA ARG A 245 19.83 11.56 -8.31
C ARG A 245 18.96 10.34 -8.60
N THR A 246 19.49 9.13 -8.46
CA THR A 246 18.74 7.92 -8.74
C THR A 246 17.99 7.39 -7.54
N ARG A 247 18.07 8.09 -6.40
CA ARG A 247 17.33 7.71 -5.20
C ARG A 247 15.99 8.41 -5.21
N VAL A 248 14.92 7.63 -5.05
CA VAL A 248 13.57 8.18 -4.91
C VAL A 248 13.20 7.94 -3.47
N VAL A 249 12.92 9.00 -2.73
CA VAL A 249 12.93 8.92 -1.27
C VAL A 249 11.60 9.35 -0.68
N SER A 250 11.25 8.73 0.45
CA SER A 250 9.99 9.01 1.13
CA SER A 250 9.99 9.00 1.11
C SER A 250 10.24 9.15 2.61
N PRO A 251 9.43 9.96 3.29
CA PRO A 251 9.47 10.05 4.73
C PRO A 251 8.94 8.75 5.36
N ILE A 252 9.20 8.60 6.66
CA ILE A 252 8.34 7.74 7.47
C ILE A 252 6.99 8.45 7.53
N ILE A 253 5.93 7.71 7.23
CA ILE A 253 4.58 8.27 7.20
C ILE A 253 3.92 8.04 8.55
N ASP A 254 3.70 9.12 9.28
CA ASP A 254 3.00 9.07 10.56
C ASP A 254 1.48 9.06 10.30
N VAL A 255 0.73 8.76 11.36
CA VAL A 255 -0.73 8.58 11.26
C VAL A 255 -1.46 9.79 11.82
N ILE A 256 -2.35 10.36 11.01
CA ILE A 256 -3.32 11.34 11.51
C ILE A 256 -4.64 10.56 11.57
N ASN A 257 -5.17 10.38 12.77
CA ASN A 257 -6.32 9.49 12.96
C ASN A 257 -7.52 10.02 12.22
N MET A 258 -8.19 9.16 11.46
CA MET A 258 -9.31 9.59 10.60
CA MET A 258 -9.31 9.60 10.60
C MET A 258 -10.54 10.04 11.40
N ASP A 259 -10.62 9.63 12.66
CA ASP A 259 -11.76 9.96 13.49
C ASP A 259 -11.52 11.17 14.39
N ASN A 260 -10.35 11.23 15.06
CA ASN A 260 -10.08 12.28 16.06
C ASN A 260 -8.93 13.25 15.69
N PHE A 261 -8.30 12.97 14.54
CA PHE A 261 -7.19 13.80 14.00
C PHE A 261 -5.95 13.94 14.88
N GLN A 262 -5.79 13.07 15.84
CA GLN A 262 -4.56 13.05 16.57
C GLN A 262 -3.44 12.57 15.66
N TYR A 263 -2.26 13.17 15.86
CA TYR A 263 -1.06 12.84 15.11
C TYR A 263 -0.19 11.91 15.95
N VAL A 264 0.10 10.72 15.45
CA VAL A 264 0.91 9.72 16.17
C VAL A 264 1.84 9.01 15.24
N GLY A 265 2.89 8.44 15.81
CA GLY A 265 3.78 7.56 15.06
C GLY A 265 3.35 6.11 15.10
N ALA A 266 3.60 5.37 14.04
CA ALA A 266 3.34 3.93 13.95
C ALA A 266 4.63 3.19 14.27
N SER A 267 4.58 1.87 14.17
CA SER A 267 5.75 1.06 14.45
C SER A 267 6.79 1.32 13.44
N ALA A 268 8.03 1.39 13.97
CA ALA A 268 9.18 1.56 13.17
C ALA A 268 9.59 0.34 12.35
N ASP A 269 9.03 -0.80 12.70
CA ASP A 269 9.41 -2.07 12.06
C ASP A 269 8.54 -2.44 10.86
N LEU A 270 7.89 -1.47 10.23
CA LEU A 270 7.02 -1.68 9.08
C LEU A 270 7.60 -0.95 7.89
N LYS A 271 7.47 -1.55 6.72
CA LYS A 271 7.83 -0.89 5.46
C LYS A 271 6.85 -1.32 4.38
N GLY A 272 6.87 -0.68 3.22
CA GLY A 272 5.98 -1.04 2.14
C GLY A 272 6.24 -2.39 1.51
N GLY A 273 5.18 -2.96 0.96
CA GLY A 273 5.22 -4.25 0.32
C GLY A 273 3.93 -4.47 -0.44
N PHE A 274 3.74 -5.68 -0.90
CA PHE A 274 2.55 -6.07 -1.64
C PHE A 274 2.47 -7.58 -1.74
N ASP A 275 1.25 -8.08 -1.85
CA ASP A 275 0.97 -9.46 -2.22
C ASP A 275 0.65 -9.55 -3.70
N TRP A 276 0.37 -10.75 -4.17
CA TRP A 276 0.16 -10.96 -5.61
C TRP A 276 -1.06 -10.25 -6.17
N ASN A 277 -2.00 -9.80 -5.33
CA ASN A 277 -3.13 -8.97 -5.80
C ASN A 277 -2.71 -7.55 -6.19
N LEU A 278 -1.44 -7.21 -5.87
CA LEU A 278 -0.82 -5.97 -6.28
C LEU A 278 -1.41 -4.70 -5.65
N VAL A 279 -2.03 -4.80 -4.47
CA VAL A 279 -2.36 -3.57 -3.71
C VAL A 279 -1.27 -3.32 -2.67
N PHE A 280 -1.00 -2.06 -2.40
CA PHE A 280 -0.03 -1.70 -1.36
C PHE A 280 -0.44 -2.27 0.01
N LYS A 281 0.55 -2.80 0.74
CA LYS A 281 0.36 -3.19 2.15
C LYS A 281 1.60 -2.85 2.93
N TRP A 282 1.48 -2.89 4.25
CA TRP A 282 2.63 -2.75 5.13
C TRP A 282 3.14 -4.11 5.52
N ASP A 283 4.42 -4.34 5.33
CA ASP A 283 5.10 -5.58 5.72
C ASP A 283 5.78 -5.37 7.07
N TYR A 284 5.70 -6.37 7.94
CA TYR A 284 6.49 -6.37 9.16
C TYR A 284 7.90 -6.84 8.78
N MET A 285 8.89 -6.04 9.16
CA MET A 285 10.28 -6.34 8.84
C MET A 285 10.69 -7.74 9.32
N THR A 286 11.56 -8.36 8.54
CA THR A 286 12.13 -9.65 8.90
C THR A 286 13.05 -9.50 10.10
N PRO A 287 13.45 -10.62 10.72
CA PRO A 287 14.39 -10.53 11.83
C PRO A 287 15.68 -9.83 11.45
N GLU A 288 16.21 -10.14 10.26
CA GLU A 288 17.39 -9.43 9.78
C GLU A 288 17.17 -7.94 9.60
N GLN A 289 16.05 -7.56 8.99
CA GLN A 289 15.76 -6.15 8.81
C GLN A 289 15.59 -5.41 10.15
N ARG A 290 14.95 -6.07 11.09
CA ARG A 290 14.78 -5.48 12.40
C ARG A 290 16.09 -5.35 13.15
N ARG A 291 16.96 -6.34 12.99
CA ARG A 291 18.29 -6.27 13.61
C ARG A 291 19.11 -5.15 13.03
N SER A 292 19.06 -5.01 11.70
CA SER A 292 19.72 -3.92 11.03
CA SER A 292 19.72 -3.89 11.04
C SER A 292 19.18 -2.56 11.54
N ARG A 293 17.86 -2.45 11.63
CA ARG A 293 17.27 -1.18 12.04
C ARG A 293 17.68 -0.78 13.45
N GLN A 294 17.75 -1.76 14.35
CA GLN A 294 18.19 -1.49 15.71
C GLN A 294 19.60 -0.95 15.71
N GLY A 295 20.44 -1.41 14.80
CA GLY A 295 21.83 -0.92 14.70
C GLY A 295 21.95 0.55 14.34
N ASN A 296 21.01 1.08 13.56
CA ASN A 296 20.96 2.52 13.29
C ASN A 296 19.55 2.91 12.90
N PRO A 297 18.78 3.36 13.87
CA PRO A 297 17.38 3.63 13.59
C PRO A 297 17.16 4.84 12.71
N VAL A 298 18.17 5.63 12.41
CA VAL A 298 18.04 6.73 11.49
C VAL A 298 18.68 6.51 10.14
N ALA A 299 19.21 5.31 9.89
CA ALA A 299 19.73 5.03 8.55
C ALA A 299 18.59 4.97 7.55
N PRO A 300 18.83 5.44 6.33
CA PRO A 300 17.91 5.19 5.24
C PRO A 300 17.63 3.69 5.07
N ILE A 301 16.38 3.38 4.78
CA ILE A 301 15.89 2.01 4.63
C ILE A 301 15.46 1.80 3.18
N LYS A 302 16.04 0.82 2.49
CA LYS A 302 15.59 0.54 1.11
C LYS A 302 14.22 -0.15 1.25
N THR A 303 13.34 0.11 0.29
CA THR A 303 12.01 -0.43 0.36
C THR A 303 11.56 -0.89 -1.02
N PRO A 304 10.82 -2.01 -1.10
CA PRO A 304 10.51 -2.53 -2.43
C PRO A 304 9.39 -1.78 -3.12
N MET A 305 8.60 -1.02 -2.38
CA MET A 305 7.41 -0.40 -2.90
CA MET A 305 7.43 -0.32 -2.98
C MET A 305 7.07 0.83 -2.07
N ILE A 306 6.74 1.94 -2.71
CA ILE A 306 6.10 3.04 -1.97
C ILE A 306 4.58 2.96 -2.24
N ALA A 307 3.75 3.56 -1.38
CA ALA A 307 2.31 3.59 -1.65
C ALA A 307 2.03 4.55 -2.80
N GLY A 308 2.91 5.51 -3.01
CA GLY A 308 2.87 6.36 -4.19
C GLY A 308 2.35 7.74 -3.92
N GLY A 309 1.94 8.03 -2.69
CA GLY A 309 1.39 9.34 -2.30
C GLY A 309 2.43 10.40 -2.00
N LEU A 310 3.51 10.02 -1.30
CA LEU A 310 4.52 10.95 -0.82
C LEU A 310 5.92 10.49 -1.21
N PHE A 311 6.61 11.29 -2.02
CA PHE A 311 8.02 11.02 -2.32
C PHE A 311 8.66 12.20 -2.99
N VAL A 312 9.98 12.17 -2.99
CA VAL A 312 10.84 13.21 -3.57
C VAL A 312 11.72 12.57 -4.65
N MET A 313 11.85 13.25 -5.80
CA MET A 313 12.58 12.71 -6.93
C MET A 313 13.22 13.86 -7.71
N ASP A 314 14.47 13.69 -8.05
CA ASP A 314 15.12 14.63 -8.96
C ASP A 314 14.29 14.78 -10.22
N LYS A 315 14.05 16.03 -10.63
CA LYS A 315 13.14 16.30 -11.75
C LYS A 315 13.67 15.71 -13.07
N PHE A 316 14.96 15.86 -13.33
CA PHE A 316 15.54 15.30 -14.56
C PHE A 316 15.50 13.80 -14.57
N TYR A 317 15.71 13.17 -13.42
CA TYR A 317 15.58 11.72 -13.34
C TYR A 317 14.11 11.29 -13.58
N PHE A 318 13.17 12.00 -12.97
CA PHE A 318 11.75 11.76 -13.22
C PHE A 318 11.45 11.76 -14.70
N GLU A 319 11.95 12.78 -15.39
CA GLU A 319 11.71 12.91 -16.83
C GLU A 319 12.42 11.83 -17.62
N GLU A 320 13.69 11.58 -17.31
CA GLU A 320 14.48 10.59 -18.06
C GLU A 320 13.88 9.20 -17.94
N LEU A 321 13.34 8.87 -16.76
CA LEU A 321 12.84 7.54 -16.54
C LEU A 321 11.43 7.31 -17.06
N GLY A 322 10.79 8.34 -17.61
CA GLY A 322 9.46 8.20 -18.20
C GLY A 322 8.28 8.73 -17.38
N LYS A 323 8.53 9.71 -16.52
CA LYS A 323 7.50 10.49 -15.84
C LYS A 323 6.51 9.55 -15.14
N TYR A 324 5.23 9.62 -15.49
CA TYR A 324 4.29 8.55 -15.24
C TYR A 324 3.72 8.16 -16.61
N ASP A 325 3.15 6.97 -16.70
CA ASP A 325 2.43 6.50 -17.88
C ASP A 325 1.14 7.34 -18.02
N MET A 326 1.05 8.12 -19.11
CA MET A 326 -0.06 9.05 -19.30
C MET A 326 -1.36 8.35 -19.66
N MET A 327 -1.30 7.05 -19.91
CA MET A 327 -2.48 6.25 -20.16
C MET A 327 -3.14 5.68 -18.92
N MET A 328 -2.57 5.95 -17.74
CA MET A 328 -3.24 5.59 -16.49
C MET A 328 -4.48 6.43 -16.26
N ASP A 329 -5.51 5.78 -15.67
CA ASP A 329 -6.77 6.48 -15.38
C ASP A 329 -6.83 6.86 -13.90
N VAL A 330 -8.01 7.21 -13.42
CA VAL A 330 -8.16 7.76 -12.07
C VAL A 330 -7.92 6.74 -10.98
N TRP A 331 -8.09 5.45 -11.27
CA TRP A 331 -8.35 4.48 -10.22
C TRP A 331 -7.18 3.59 -9.85
N GLY A 332 -6.43 4.05 -8.83
CA GLY A 332 -5.47 3.18 -8.18
C GLY A 332 -4.18 2.94 -8.90
N GLY A 333 -3.43 1.97 -8.39
CA GLY A 333 -2.15 1.59 -8.96
C GLY A 333 -1.00 2.56 -8.87
N GLU A 334 -1.11 3.65 -8.09
CA GLU A 334 -0.08 4.67 -8.07
C GLU A 334 1.20 4.16 -7.37
N ASN A 335 1.08 3.04 -6.69
CA ASN A 335 2.23 2.34 -6.06
C ASN A 335 3.11 1.62 -7.09
N LEU A 336 2.50 1.09 -8.11
CA LEU A 336 3.06 -0.04 -8.78
C LEU A 336 4.03 0.31 -9.88
N GLU A 337 3.55 0.99 -10.88
CA GLU A 337 4.36 1.22 -12.04
C GLU A 337 5.65 1.97 -11.68
N ILE A 338 5.57 3.01 -10.87
CA ILE A 338 6.78 3.74 -10.56
C ILE A 338 7.73 2.96 -9.69
N SER A 339 7.23 2.16 -8.74
CA SER A 339 8.13 1.39 -7.89
C SER A 339 8.89 0.35 -8.71
N PHE A 340 8.20 -0.37 -9.59
CA PHE A 340 8.85 -1.40 -10.40
C PHE A 340 9.84 -0.75 -11.38
N ARG A 341 9.42 0.33 -12.03
CA ARG A 341 10.30 0.99 -13.02
C ARG A 341 11.55 1.57 -12.37
N VAL A 342 11.43 2.22 -11.22
CA VAL A 342 12.61 2.81 -10.56
C VAL A 342 13.60 1.68 -10.21
N TRP A 343 13.14 0.61 -9.58
CA TRP A 343 14.07 -0.47 -9.20
C TRP A 343 14.63 -1.23 -10.42
N GLN A 344 13.76 -1.61 -11.33
CA GLN A 344 14.23 -2.40 -12.49
C GLN A 344 15.14 -1.60 -13.40
N CYS A 345 15.00 -0.28 -13.42
CA CYS A 345 15.77 0.56 -14.36
C CYS A 345 16.95 1.30 -13.71
N GLY A 346 17.34 0.86 -12.52
CA GLY A 346 18.62 1.20 -11.93
C GLY A 346 18.63 2.19 -10.76
N GLY A 347 17.46 2.64 -10.35
CA GLY A 347 17.36 3.52 -9.19
C GLY A 347 17.01 2.72 -7.95
N SER A 348 16.60 3.41 -6.93
CA SER A 348 16.21 2.77 -5.69
C SER A 348 15.13 3.60 -4.99
N LEU A 349 14.40 2.93 -4.11
CA LEU A 349 13.41 3.59 -3.24
C LEU A 349 13.88 3.52 -1.83
N GLU A 350 13.68 4.59 -1.07
CA GLU A 350 14.12 4.66 0.31
C GLU A 350 13.08 5.27 1.19
N ILE A 351 13.07 4.81 2.44
CA ILE A 351 12.38 5.47 3.55
C ILE A 351 13.44 6.15 4.38
N ILE A 352 13.20 7.41 4.73
CA ILE A 352 14.19 8.23 5.44
C ILE A 352 13.66 8.54 6.83
N PRO A 353 14.12 7.82 7.87
CA PRO A 353 13.46 7.96 9.18
C PRO A 353 13.46 9.33 9.82
N CYS A 354 14.42 10.20 9.50
CA CYS A 354 14.40 11.52 10.08
C CYS A 354 13.45 12.48 9.42
N SER A 355 12.85 12.04 8.31
CA SER A 355 11.78 12.81 7.64
C SER A 355 10.45 12.25 8.04
N ARG A 356 9.59 13.07 8.65
CA ARG A 356 8.26 12.62 9.13
C ARG A 356 7.16 13.47 8.54
N VAL A 357 6.20 12.81 7.94
CA VAL A 357 4.99 13.49 7.43
C VAL A 357 3.81 12.66 7.84
N GLY A 358 2.85 13.29 8.48
CA GLY A 358 1.62 12.58 8.86
C GLY A 358 0.66 12.52 7.68
N HIS A 359 -0.13 11.46 7.65
CA HIS A 359 -1.10 11.25 6.61
C HIS A 359 -2.40 10.76 7.19
N VAL A 360 -3.54 11.28 6.71
CA VAL A 360 -4.82 10.72 7.14
C VAL A 360 -5.08 9.42 6.37
N PHE A 361 -4.75 8.30 7.01
CA PHE A 361 -5.07 6.99 6.45
C PHE A 361 -6.57 6.79 6.55
N ARG A 362 -7.19 6.30 5.48
CA ARG A 362 -8.62 6.28 5.43
C ARG A 362 -9.22 4.88 5.39
N LYS A 363 -8.41 3.85 5.39
CA LYS A 363 -9.05 2.57 5.34
C LYS A 363 -9.04 1.93 6.66
N GLN A 364 -10.25 1.65 7.17
CA GLN A 364 -10.30 0.43 7.90
C GLN A 364 -10.55 -0.76 6.92
N HIS A 365 -9.71 -1.72 7.31
CA HIS A 365 -9.28 -2.86 6.43
CA HIS A 365 -8.96 -2.66 6.52
C HIS A 365 -8.74 -2.46 5.02
N PRO A 366 -7.48 -2.84 4.62
CA PRO A 366 -6.90 -2.56 3.30
C PRO A 366 -7.42 -3.54 2.24
N TYR A 367 -7.41 -3.20 0.95
CA TYR A 367 -8.39 -3.80 0.04
C TYR A 367 -8.32 -5.32 0.02
N THR A 368 -9.50 -5.91 0.11
CA THR A 368 -9.72 -7.33 0.20
C THR A 368 -10.30 -7.91 -1.10
N PHE A 369 -9.92 -9.16 -1.38
CA PHE A 369 -10.26 -9.87 -2.60
C PHE A 369 -10.82 -11.25 -2.21
N PRO A 370 -11.83 -11.77 -2.94
CA PRO A 370 -12.52 -11.18 -4.08
C PRO A 370 -13.40 -10.00 -3.67
N GLY A 371 -13.86 -9.26 -4.68
CA GLY A 371 -14.58 -8.03 -4.48
C GLY A 371 -14.39 -7.22 -5.74
N GLY A 372 -15.02 -6.06 -5.77
CA GLY A 372 -14.99 -5.22 -6.97
C GLY A 372 -13.68 -4.49 -7.16
N SER A 373 -12.86 -4.40 -6.11
CA SER A 373 -11.59 -3.65 -6.18
C SER A 373 -10.70 -4.16 -7.28
N GLY A 374 -10.69 -5.48 -7.44
CA GLY A 374 -9.91 -6.11 -8.47
C GLY A 374 -10.19 -5.54 -9.84
N THR A 375 -11.47 -5.25 -10.10
CA THR A 375 -11.86 -4.67 -11.38
C THR A 375 -11.64 -3.15 -11.41
N VAL A 376 -12.00 -2.47 -10.33
CA VAL A 376 -11.86 -1.03 -10.26
C VAL A 376 -10.40 -0.60 -10.52
N PHE A 377 -9.47 -1.31 -9.92
CA PHE A 377 -8.04 -0.94 -10.09
C PHE A 377 -7.37 -1.63 -11.25
N ALA A 378 -8.09 -2.44 -12.01
CA ALA A 378 -7.47 -3.31 -13.00
C ALA A 378 -6.80 -2.60 -14.17
N ARG A 379 -7.36 -1.53 -14.70
CA ARG A 379 -6.70 -0.88 -15.87
C ARG A 379 -5.26 -0.51 -15.48
N ASN A 380 -5.15 0.28 -14.40
CA ASN A 380 -3.84 0.78 -13.99
C ASN A 380 -2.90 -0.31 -13.52
N THR A 381 -3.47 -1.33 -12.89
CA THR A 381 -2.70 -2.45 -12.40
C THR A 381 -2.18 -3.30 -13.54
N ARG A 382 -3.05 -3.60 -14.52
CA ARG A 382 -2.62 -4.35 -15.68
C ARG A 382 -1.57 -3.59 -16.50
N ARG A 383 -1.72 -2.28 -16.60
CA ARG A 383 -0.70 -1.50 -17.33
C ARG A 383 0.67 -1.65 -16.70
N ALA A 384 0.76 -1.75 -15.37
CA ALA A 384 2.04 -2.04 -14.72
C ALA A 384 2.47 -3.49 -14.93
N ALA A 385 1.58 -4.43 -14.68
CA ALA A 385 1.91 -5.82 -14.73
C ALA A 385 2.36 -6.27 -16.11
N GLU A 386 1.64 -5.81 -17.14
CA GLU A 386 1.93 -6.21 -18.50
C GLU A 386 3.21 -5.62 -19.05
N VAL A 387 3.69 -4.51 -18.50
CA VAL A 387 4.95 -3.93 -18.93
C VAL A 387 6.13 -4.47 -18.15
N TRP A 388 5.97 -4.60 -16.82
CA TRP A 388 7.11 -4.81 -15.92
C TRP A 388 7.30 -6.20 -15.39
N MET A 389 6.23 -6.99 -15.23
CA MET A 389 6.27 -8.20 -14.42
C MET A 389 6.66 -9.49 -15.15
N ASP A 390 6.82 -9.42 -16.46
CA ASP A 390 7.20 -10.61 -17.21
C ASP A 390 6.18 -11.73 -16.90
N GLU A 391 6.64 -12.97 -16.75
CA GLU A 391 5.70 -14.08 -16.56
C GLU A 391 5.07 -14.07 -15.18
N TYR A 392 5.64 -13.30 -14.25
CA TYR A 392 5.05 -13.20 -12.90
C TYR A 392 3.69 -12.51 -12.90
N LYS A 393 3.31 -11.85 -13.99
CA LYS A 393 1.97 -11.29 -14.09
C LYS A 393 0.90 -12.37 -13.89
N ASN A 394 1.24 -13.60 -14.23
CA ASN A 394 0.26 -14.66 -14.08
C ASN A 394 -0.10 -14.99 -12.65
N PHE A 395 0.79 -14.66 -11.71
CA PHE A 395 0.43 -14.81 -10.28
C PHE A 395 -0.55 -13.73 -9.84
N TYR A 396 -0.45 -12.53 -10.42
CA TYR A 396 -1.48 -11.52 -10.25
C TYR A 396 -2.86 -11.96 -10.78
N TYR A 397 -2.88 -12.52 -12.00
CA TYR A 397 -4.15 -13.00 -12.54
C TYR A 397 -4.66 -14.21 -11.77
N ALA A 398 -3.76 -14.95 -11.14
CA ALA A 398 -4.23 -16.07 -10.27
C ALA A 398 -4.91 -15.55 -9.01
N ALA A 399 -4.46 -14.40 -8.52
CA ALA A 399 -5.05 -13.73 -7.36
C ALA A 399 -6.28 -12.91 -7.67
N VAL A 400 -6.32 -12.36 -8.90
CA VAL A 400 -7.34 -11.41 -9.34
C VAL A 400 -7.87 -11.83 -10.71
N PRO A 401 -8.56 -12.98 -10.74
CA PRO A 401 -9.02 -13.44 -12.04
C PRO A 401 -9.98 -12.48 -12.73
N SER A 402 -10.72 -11.67 -11.97
CA SER A 402 -11.62 -10.68 -12.56
C SER A 402 -10.88 -9.65 -13.43
N ALA A 403 -9.57 -9.52 -13.23
CA ALA A 403 -8.81 -8.54 -14.00
C ALA A 403 -8.43 -9.03 -15.39
N ARG A 404 -8.48 -10.33 -15.62
CA ARG A 404 -7.88 -11.00 -16.79
C ARG A 404 -8.31 -10.46 -18.11
N ASN A 405 -9.54 -10.00 -18.20
CA ASN A 405 -10.06 -9.54 -19.46
C ASN A 405 -10.48 -8.07 -19.43
N VAL A 406 -10.05 -7.29 -18.42
CA VAL A 406 -10.36 -5.86 -18.35
C VAL A 406 -9.49 -5.10 -19.36
N PRO A 407 -10.08 -4.31 -20.27
CA PRO A 407 -9.26 -3.54 -21.22
C PRO A 407 -8.29 -2.60 -20.51
N TYR A 408 -7.05 -2.54 -21.01
CA TYR A 408 -6.04 -1.69 -20.37
C TYR A 408 -5.26 -0.79 -21.31
N GLY A 409 -5.60 -0.77 -22.59
CA GLY A 409 -4.97 0.12 -23.53
C GLY A 409 -3.68 -0.41 -24.09
N ASN A 410 -3.18 0.29 -25.09
CA ASN A 410 -1.98 -0.12 -25.74
C ASN A 410 -0.78 0.25 -24.86
N ILE A 411 0.20 -0.65 -24.79
CA ILE A 411 1.36 -0.45 -23.92
C ILE A 411 2.67 -0.41 -24.70
N GLN A 412 2.58 -0.27 -26.02
CA GLN A 412 3.78 -0.32 -26.83
CA GLN A 412 3.76 -0.26 -26.89
C GLN A 412 4.78 0.78 -26.45
N SER A 413 4.31 2.00 -26.19
CA SER A 413 5.22 3.10 -25.79
CA SER A 413 5.25 3.06 -25.82
C SER A 413 5.99 2.76 -24.51
N ARG A 414 5.30 2.18 -23.54
CA ARG A 414 5.99 1.87 -22.30
C ARG A 414 6.91 0.68 -22.44
N LEU A 415 6.56 -0.30 -23.28
CA LEU A 415 7.49 -1.40 -23.58
C LEU A 415 8.73 -0.88 -24.29
N GLU A 416 8.56 0.10 -25.18
CA GLU A 416 9.71 0.73 -25.85
C GLU A 416 10.58 1.46 -24.82
N LEU A 417 9.97 2.11 -23.84
CA LEU A 417 10.72 2.78 -22.80
C LEU A 417 11.56 1.78 -22.00
N ARG A 418 10.94 0.67 -21.62
CA ARG A 418 11.62 -0.35 -20.87
C ARG A 418 12.87 -0.82 -21.65
N LYS A 419 12.70 -1.00 -22.94
CA LYS A 419 13.80 -1.47 -23.81
C LYS A 419 14.89 -0.40 -23.88
N LYS A 420 14.48 0.84 -24.05
CA LYS A 420 15.40 1.96 -24.20
C LYS A 420 16.27 2.19 -22.95
N LEU A 421 15.65 2.00 -21.78
CA LEU A 421 16.31 2.19 -20.50
C LEU A 421 17.15 0.98 -20.06
N SER A 422 17.08 -0.11 -20.80
CA SER A 422 17.84 -1.33 -20.42
C SER A 422 17.54 -1.82 -19.00
N CYS A 423 16.26 -1.93 -18.69
CA CYS A 423 15.85 -2.36 -17.36
C CYS A 423 16.04 -3.85 -17.16
N LYS A 424 16.21 -4.25 -15.89
CA LYS A 424 16.35 -5.64 -15.49
C LYS A 424 15.00 -6.34 -15.47
N PRO A 425 14.99 -7.69 -15.59
CA PRO A 425 13.74 -8.43 -15.57
C PRO A 425 13.09 -8.47 -14.17
N PHE A 426 11.83 -8.86 -14.14
CA PHE A 426 11.13 -8.90 -12.88
C PHE A 426 11.74 -9.95 -11.94
N LYS A 427 12.24 -11.07 -12.46
CA LYS A 427 12.92 -12.02 -11.60
C LYS A 427 14.07 -11.38 -10.81
N TRP A 428 14.77 -10.45 -11.43
CA TRP A 428 15.86 -9.74 -10.80
C TRP A 428 15.31 -8.89 -9.63
N TYR A 429 14.18 -8.25 -9.87
CA TYR A 429 13.51 -7.45 -8.84
C TYR A 429 13.16 -8.34 -7.64
N LEU A 430 12.56 -9.49 -7.93
CA LEU A 430 12.16 -10.36 -6.84
C LEU A 430 13.35 -10.90 -6.05
N GLU A 431 14.42 -11.26 -6.75
CA GLU A 431 15.59 -11.82 -6.05
C GLU A 431 16.38 -10.77 -5.26
N ASN A 432 16.50 -9.57 -5.81
CA ASN A 432 17.39 -8.53 -5.26
C ASN A 432 16.71 -7.44 -4.46
N VAL A 433 15.46 -7.15 -4.79
CA VAL A 433 14.71 -6.06 -4.13
C VAL A 433 13.64 -6.59 -3.17
N TYR A 434 12.90 -7.63 -3.54
CA TYR A 434 11.80 -8.11 -2.70
C TYR A 434 11.81 -9.64 -2.58
N PRO A 435 12.89 -10.17 -2.01
CA PRO A 435 12.94 -11.62 -1.85
C PRO A 435 11.96 -12.14 -0.80
N GLU A 436 11.40 -11.26 0.00
CA GLU A 436 10.37 -11.63 0.97
C GLU A 436 9.01 -12.01 0.36
N LEU A 437 8.76 -11.67 -0.91
CA LEU A 437 7.52 -11.98 -1.56
C LEU A 437 7.60 -13.46 -1.96
N ARG A 438 6.75 -14.27 -1.35
CA ARG A 438 6.84 -15.72 -1.60
C ARG A 438 6.22 -16.04 -2.96
N VAL A 439 7.00 -16.75 -3.77
CA VAL A 439 6.63 -17.16 -5.11
C VAL A 439 6.11 -18.60 -5.06
N PRO A 440 4.96 -18.89 -5.69
CA PRO A 440 4.45 -20.27 -5.71
C PRO A 440 5.47 -21.24 -6.33
N ASP A 441 5.51 -22.47 -5.83
CA ASP A 441 6.27 -23.51 -6.51
C ASP A 441 5.67 -23.74 -7.88
N HIS A 442 6.50 -24.14 -8.85
CA HIS A 442 6.02 -24.26 -10.24
C HIS A 442 4.95 -25.32 -10.43
N GLN A 443 4.87 -26.28 -9.55
CA GLN A 443 3.81 -27.27 -9.65
C GLN A 443 2.70 -27.15 -8.60
N ASP A 444 2.71 -26.06 -7.83
CA ASP A 444 1.59 -25.83 -6.89
C ASP A 444 0.28 -25.73 -7.66
N ILE A 445 -0.76 -26.27 -7.05
CA ILE A 445 -2.10 -26.19 -7.61
C ILE A 445 -2.81 -24.89 -7.19
N ALA A 446 -2.61 -24.52 -5.92
CA ALA A 446 -3.16 -23.31 -5.35
C ALA A 446 -2.22 -22.87 -4.25
N PHE A 447 -2.38 -21.62 -3.82
CA PHE A 447 -1.37 -20.98 -2.99
C PHE A 447 -1.94 -19.80 -2.25
N GLY A 448 -1.33 -19.52 -1.09
CA GLY A 448 -1.42 -18.22 -0.45
C GLY A 448 -1.98 -18.34 0.92
N ALA A 449 -3.21 -17.90 1.10
CA ALA A 449 -3.99 -18.11 2.31
C ALA A 449 -5.24 -18.88 1.90
N LEU A 450 -5.78 -19.65 2.84
CA LEU A 450 -7.07 -20.34 2.62
C LEU A 450 -8.12 -19.64 3.43
N GLN A 451 -8.98 -18.93 2.72
CA GLN A 451 -9.88 -17.96 3.32
C GLN A 451 -11.30 -18.48 3.46
N GLN A 452 -11.95 -18.08 4.55
CA GLN A 452 -13.36 -18.29 4.81
C GLN A 452 -13.92 -17.00 5.41
N GLY A 453 -14.71 -16.26 4.64
CA GLY A 453 -15.10 -14.91 5.10
C GLY A 453 -13.83 -14.08 5.33
N THR A 454 -13.75 -13.46 6.50
CA THR A 454 -12.54 -12.66 6.83
C THR A 454 -11.52 -13.45 7.64
N ASN A 455 -11.78 -14.76 7.81
CA ASN A 455 -10.86 -15.66 8.51
C ASN A 455 -10.02 -16.48 7.55
N CYS A 456 -8.94 -17.01 8.12
CA CYS A 456 -7.91 -17.75 7.38
C CYS A 456 -7.55 -19.00 8.13
N LEU A 457 -7.30 -20.08 7.38
CA LEU A 457 -6.65 -21.27 7.93
C LEU A 457 -5.37 -20.87 8.61
N ASP A 458 -5.16 -21.38 9.83
CA ASP A 458 -4.09 -20.87 10.68
C ASP A 458 -3.57 -22.01 11.55
N THR A 459 -2.25 -22.17 11.60
CA THR A 459 -1.67 -23.21 12.48
C THR A 459 -1.82 -22.90 13.96
N LEU A 460 -2.16 -21.66 14.33
CA LEU A 460 -2.27 -21.20 15.72
C LEU A 460 -0.97 -21.39 16.47
N GLY A 461 0.12 -21.48 15.73
CA GLY A 461 1.47 -21.66 16.27
C GLY A 461 1.73 -23.08 16.69
N HIS A 462 0.85 -24.00 16.31
CA HIS A 462 1.04 -25.41 16.63
C HIS A 462 2.03 -26.11 15.74
N PHE A 463 2.50 -27.26 16.23
CA PHE A 463 3.41 -28.09 15.44
C PHE A 463 2.81 -29.47 15.23
N ALA A 464 3.62 -30.46 14.84
CA ALA A 464 3.07 -31.79 14.60
C ALA A 464 2.26 -32.28 15.79
N ASP A 465 1.16 -32.96 15.46
CA ASP A 465 0.15 -33.48 16.36
C ASP A 465 -0.83 -32.42 16.89
N GLY A 466 -0.65 -31.17 16.46
CA GLY A 466 -1.52 -30.08 16.92
C GLY A 466 -2.72 -29.90 16.02
N VAL A 467 -3.77 -29.32 16.59
CA VAL A 467 -4.97 -28.95 15.82
C VAL A 467 -4.71 -27.71 14.96
N VAL A 468 -5.59 -27.47 14.01
CA VAL A 468 -5.53 -26.23 13.23
C VAL A 468 -6.79 -25.48 13.41
N GLY A 469 -6.71 -24.20 13.13
CA GLY A 469 -7.77 -23.34 13.41
C GLY A 469 -8.01 -22.35 12.30
N VAL A 470 -8.89 -21.45 12.63
CA VAL A 470 -9.24 -20.31 11.84
C VAL A 470 -8.91 -19.14 12.70
N TYR A 471 -8.59 -18.04 12.06
CA TYR A 471 -8.17 -16.84 12.76
C TYR A 471 -8.36 -15.68 11.78
N GLU A 472 -8.63 -14.48 12.27
N GLU A 472 -8.56 -14.48 12.30
CA GLU A 472 -8.83 -13.35 11.36
CA GLU A 472 -8.65 -13.31 11.41
C GLU A 472 -7.61 -13.22 10.45
C GLU A 472 -7.51 -13.24 10.42
N CYS A 473 -7.82 -13.11 9.14
CA CYS A 473 -6.77 -12.93 8.14
C CYS A 473 -6.02 -11.66 8.44
N HIS A 474 -4.72 -11.77 8.64
CA HIS A 474 -3.89 -10.57 8.87
C HIS A 474 -3.01 -10.18 7.69
N ASN A 475 -3.03 -10.92 6.58
CA ASN A 475 -2.19 -10.71 5.36
CA ASN A 475 -2.29 -10.47 5.46
C ASN A 475 -0.76 -10.43 5.73
N ALA A 476 -0.23 -11.20 6.67
CA ALA A 476 1.17 -11.13 7.07
C ALA A 476 1.89 -12.46 6.91
N GLY A 477 1.28 -13.42 6.21
CA GLY A 477 1.89 -14.71 5.97
C GLY A 477 1.98 -15.55 7.22
N GLY A 478 3.18 -16.00 7.56
CA GLY A 478 3.39 -16.68 8.81
C GLY A 478 2.53 -17.89 8.95
N ASN A 479 1.82 -17.94 10.05
CA ASN A 479 0.98 -19.09 10.38
C ASN A 479 -0.22 -19.24 9.45
N GLN A 480 -0.44 -18.26 8.57
CA GLN A 480 -1.52 -18.27 7.58
C GLN A 480 -1.06 -18.56 6.14
N GLU A 481 0.21 -18.98 6.01
CA GLU A 481 0.80 -19.30 4.71
C GLU A 481 0.65 -20.77 4.37
N TRP A 482 -0.03 -21.06 3.26
CA TRP A 482 -0.33 -22.43 2.86
C TRP A 482 -0.16 -22.61 1.36
N ALA A 483 -0.04 -23.86 0.93
CA ALA A 483 -0.10 -24.19 -0.51
C ALA A 483 -0.82 -25.50 -0.67
N LEU A 484 -1.48 -25.66 -1.81
CA LEU A 484 -2.05 -26.96 -2.21
C LEU A 484 -1.05 -27.43 -3.24
N THR A 485 -0.31 -28.47 -2.87
CA THR A 485 0.88 -28.87 -3.63
C THR A 485 0.50 -29.80 -4.77
N LYS A 486 1.49 -30.10 -5.61
CA LYS A 486 1.32 -31.06 -6.71
C LYS A 486 0.79 -32.39 -6.18
N GLU A 487 1.29 -32.79 -5.02
CA GLU A 487 0.89 -34.06 -4.39
C GLU A 487 -0.46 -34.01 -3.66
N LYS A 488 -1.18 -32.88 -3.79
CA LYS A 488 -2.52 -32.66 -3.19
C LYS A 488 -2.50 -32.47 -1.68
N SER A 489 -1.35 -32.05 -1.12
CA SER A 489 -1.31 -31.81 0.30
C SER A 489 -1.55 -30.33 0.51
N VAL A 490 -2.11 -30.03 1.67
CA VAL A 490 -2.26 -28.64 2.14
C VAL A 490 -1.18 -28.41 3.15
N LYS A 491 -0.18 -27.61 2.77
CA LYS A 491 1.13 -27.64 3.38
C LYS A 491 1.55 -26.28 3.92
N HIS A 492 2.11 -26.28 5.11
CA HIS A 492 2.72 -25.13 5.72
C HIS A 492 4.08 -25.57 6.24
N MET A 493 5.14 -24.95 5.73
CA MET A 493 6.51 -25.43 6.02
C MET A 493 6.54 -26.94 5.76
N ASP A 494 6.83 -27.75 6.77
CA ASP A 494 6.97 -29.20 6.63
C ASP A 494 5.79 -29.98 7.16
N LEU A 495 4.69 -29.27 7.43
CA LEU A 495 3.50 -29.84 8.04
C LEU A 495 2.34 -29.82 7.07
N CYS A 496 1.47 -30.81 7.19
CA CYS A 496 0.38 -31.04 6.25
C CYS A 496 -0.92 -31.32 7.04
N LEU A 497 -2.04 -30.84 6.51
CA LEU A 497 -3.36 -31.13 7.11
C LEU A 497 -3.62 -32.63 6.95
N THR A 498 -3.91 -33.30 8.07
CA THR A 498 -3.99 -34.74 8.11
C THR A 498 -5.30 -35.20 8.74
N VAL A 499 -6.02 -36.03 8.01
CA VAL A 499 -7.25 -36.67 8.49
C VAL A 499 -6.86 -37.89 9.33
N VAL A 500 -6.63 -37.65 10.60
CA VAL A 500 -6.17 -38.70 11.53
C VAL A 500 -7.33 -39.60 11.93
N ASP A 501 -8.55 -39.12 11.74
CA ASP A 501 -9.76 -39.87 12.12
C ASP A 501 -10.84 -39.50 11.13
N ARG A 502 -11.38 -40.48 10.43
CA ARG A 502 -12.38 -40.27 9.37
CA ARG A 502 -12.37 -40.19 9.40
C ARG A 502 -13.83 -40.16 9.89
N ALA A 503 -14.08 -40.36 11.18
CA ALA A 503 -15.46 -40.20 11.66
C ALA A 503 -15.87 -38.74 11.46
N PRO A 504 -17.08 -38.50 10.94
CA PRO A 504 -17.50 -37.12 10.81
C PRO A 504 -17.47 -36.39 12.14
N GLY A 505 -17.03 -35.14 12.12
CA GLY A 505 -16.85 -34.39 13.35
C GLY A 505 -15.48 -34.41 13.96
N SER A 506 -14.60 -35.27 13.46
CA SER A 506 -13.28 -35.40 14.02
C SER A 506 -12.42 -34.20 13.70
N LEU A 507 -11.65 -33.75 14.68
CA LEU A 507 -10.65 -32.72 14.40
C LEU A 507 -9.54 -33.25 13.52
N ILE A 508 -9.06 -32.45 12.59
CA ILE A 508 -7.87 -32.80 11.83
C ILE A 508 -6.64 -32.33 12.59
N LYS A 509 -5.49 -32.81 12.16
CA LYS A 509 -4.23 -32.46 12.81
C LYS A 509 -3.15 -32.11 11.80
N LEU A 510 -2.18 -31.31 12.26
CA LEU A 510 -0.91 -31.12 11.58
C LEU A 510 -0.02 -32.31 11.81
N GLN A 511 0.50 -32.87 10.74
CA GLN A 511 1.54 -33.91 10.87
CA GLN A 511 1.55 -33.90 10.85
C GLN A 511 2.59 -33.68 9.78
N GLY A 512 3.78 -34.23 9.97
CA GLY A 512 4.79 -34.08 8.95
C GLY A 512 4.30 -34.59 7.62
N CYS A 513 4.61 -33.85 6.56
CA CYS A 513 4.21 -34.21 5.21
C CYS A 513 4.89 -35.50 4.76
N ARG A 514 4.10 -36.42 4.24
CA ARG A 514 4.58 -37.72 3.72
C ARG A 514 3.90 -37.96 2.38
N GLU A 515 4.69 -38.19 1.37
CA GLU A 515 4.26 -38.16 -0.01
C GLU A 515 3.08 -39.03 -0.39
N ASP A 516 3.01 -40.23 0.16
CA ASP A 516 1.91 -41.09 -0.19
C ASP A 516 1.06 -41.42 0.98
N ASP A 517 0.82 -40.42 1.80
CA ASP A 517 -0.10 -40.58 2.91
C ASP A 517 -1.45 -40.13 2.39
N SER A 518 -2.35 -41.08 2.15
CA SER A 518 -3.70 -40.78 1.65
C SER A 518 -4.48 -39.89 2.61
N ARG A 519 -4.13 -39.89 3.89
CA ARG A 519 -4.79 -39.06 4.89
C ARG A 519 -4.50 -37.57 4.69
N GLN A 520 -3.52 -37.27 3.87
CA GLN A 520 -3.06 -35.89 3.64
C GLN A 520 -3.49 -35.31 2.30
N LYS A 521 -4.38 -35.98 1.59
CA LYS A 521 -4.80 -35.57 0.26
C LYS A 521 -6.13 -34.82 0.23
N TRP A 522 -6.10 -33.64 -0.41
CA TRP A 522 -7.25 -32.74 -0.48
C TRP A 522 -7.43 -32.23 -1.89
N GLU A 523 -8.65 -31.77 -2.18
CA GLU A 523 -8.97 -31.25 -3.49
C GLU A 523 -10.00 -30.12 -3.40
N GLN A 524 -9.85 -29.15 -4.29
CA GLN A 524 -10.83 -28.06 -4.44
C GLN A 524 -12.04 -28.57 -5.20
N ILE A 525 -13.23 -28.26 -4.72
CA ILE A 525 -14.47 -28.62 -5.38
C ILE A 525 -15.41 -27.43 -5.41
N GLU A 526 -16.45 -27.55 -6.23
CA GLU A 526 -17.50 -26.55 -6.34
C GLU A 526 -16.99 -25.18 -6.73
N GLY A 527 -16.33 -25.12 -7.87
CA GLY A 527 -15.76 -23.88 -8.36
C GLY A 527 -14.73 -23.31 -7.41
N ASN A 528 -13.86 -24.18 -6.88
CA ASN A 528 -12.80 -23.78 -5.96
C ASN A 528 -13.34 -23.02 -4.75
N SER A 529 -14.47 -23.49 -4.23
CA SER A 529 -15.09 -22.88 -3.05
C SER A 529 -15.13 -23.76 -1.79
N LYS A 530 -14.70 -25.01 -1.89
CA LYS A 530 -14.66 -25.94 -0.76
C LYS A 530 -13.41 -26.79 -0.84
N LEU A 531 -13.09 -27.48 0.24
CA LEU A 531 -11.94 -28.38 0.27
C LEU A 531 -12.36 -29.76 0.77
N ARG A 532 -12.31 -30.74 -0.14
CA ARG A 532 -12.77 -32.10 0.14
C ARG A 532 -11.56 -32.99 0.33
N HIS A 533 -11.65 -33.90 1.29
CA HIS A 533 -10.61 -34.92 1.48
C HIS A 533 -10.76 -35.95 0.35
N VAL A 534 -9.68 -36.15 -0.39
CA VAL A 534 -9.72 -37.02 -1.57
C VAL A 534 -10.13 -38.45 -1.19
N GLY A 535 -11.01 -39.02 -2.00
CA GLY A 535 -11.50 -40.37 -1.80
C GLY A 535 -12.60 -40.47 -0.77
N SER A 536 -13.20 -39.33 -0.38
CA SER A 536 -14.20 -39.31 0.65
C SER A 536 -15.32 -38.33 0.29
N ASN A 537 -16.38 -38.39 1.09
CA ASN A 537 -17.40 -37.36 1.12
C ASN A 537 -17.27 -36.52 2.40
N LEU A 538 -16.02 -36.23 2.76
CA LEU A 538 -15.67 -35.39 3.89
C LEU A 538 -15.04 -34.07 3.42
N CYS A 539 -15.51 -32.98 4.04
CA CYS A 539 -15.08 -31.62 3.71
C CYS A 539 -14.53 -30.94 4.94
N LEU A 540 -13.54 -30.06 4.72
CA LEU A 540 -13.00 -29.25 5.83
C LEU A 540 -14.09 -28.33 6.37
N ASP A 541 -14.21 -28.26 7.67
CA ASP A 541 -15.34 -27.58 8.31
C ASP A 541 -14.88 -26.83 9.56
N SER A 542 -15.25 -25.54 9.65
CA SER A 542 -14.92 -24.74 10.84
C SER A 542 -16.00 -24.75 11.90
N ARG A 543 -17.05 -25.59 11.76
CA ARG A 543 -18.13 -25.56 12.76
C ARG A 543 -17.67 -25.93 14.17
N THR A 544 -16.55 -26.64 14.24
CA THR A 544 -15.92 -27.08 15.47
C THR A 544 -14.89 -26.09 16.02
N ALA A 545 -14.74 -24.92 15.42
CA ALA A 545 -13.66 -24.01 15.86
C ALA A 545 -13.70 -23.69 17.36
N LYS A 546 -14.88 -23.39 17.90
CA LYS A 546 -15.01 -23.06 19.32
C LYS A 546 -14.63 -24.22 20.22
N SER A 547 -14.85 -25.44 19.75
CA SER A 547 -14.70 -26.63 20.57
C SER A 547 -13.34 -27.26 20.37
N GLY A 548 -12.43 -26.60 19.65
CA GLY A 548 -11.10 -27.15 19.54
C GLY A 548 -10.32 -26.97 18.25
N GLY A 549 -10.97 -26.76 17.10
CA GLY A 549 -10.24 -26.62 15.83
C GLY A 549 -11.09 -27.04 14.63
N LEU A 550 -10.46 -27.17 13.46
CA LEU A 550 -11.15 -27.55 12.25
C LEU A 550 -11.33 -29.06 12.21
N SER A 551 -12.44 -29.44 11.58
CA SER A 551 -12.80 -30.85 11.48
C SER A 551 -13.04 -31.28 10.06
N VAL A 552 -13.18 -32.59 9.87
CA VAL A 552 -13.78 -33.16 8.68
C VAL A 552 -15.24 -33.39 9.00
N GLU A 553 -16.12 -33.09 8.05
CA GLU A 553 -17.55 -33.27 8.21
C GLU A 553 -18.14 -33.73 6.89
N VAL A 554 -19.30 -34.39 6.97
CA VAL A 554 -19.99 -34.79 5.76
C VAL A 554 -20.17 -33.55 4.88
N CYS A 555 -19.77 -33.64 3.61
CA CYS A 555 -19.90 -32.47 2.72
C CYS A 555 -21.36 -32.07 2.61
N GLY A 556 -21.64 -30.78 2.78
CA GLY A 556 -23.01 -30.27 2.69
C GLY A 556 -23.01 -28.80 2.49
N PRO A 557 -24.19 -28.21 2.31
CA PRO A 557 -24.32 -26.80 1.93
C PRO A 557 -24.24 -25.90 3.14
N ALA A 558 -23.01 -25.74 3.65
CA ALA A 558 -22.73 -25.05 4.87
C ALA A 558 -21.73 -23.92 4.66
N LEU A 559 -22.05 -22.76 5.23
CA LEU A 559 -21.11 -21.65 5.28
C LEU A 559 -19.75 -22.08 5.84
N SER A 560 -19.78 -22.93 6.87
CA SER A 560 -18.55 -23.33 7.55
C SER A 560 -17.68 -24.30 6.74
N GLN A 561 -18.18 -24.71 5.56
CA GLN A 561 -17.36 -25.52 4.64
C GLN A 561 -16.86 -24.74 3.43
N GLN A 562 -17.00 -23.40 3.43
CA GLN A 562 -16.51 -22.61 2.32
C GLN A 562 -15.07 -22.23 2.59
N TRP A 563 -14.19 -22.55 1.64
CA TRP A 563 -12.76 -22.24 1.73
C TRP A 563 -12.24 -21.95 0.34
N LYS A 564 -11.45 -20.89 0.20
CA LYS A 564 -10.90 -20.54 -1.10
C LYS A 564 -9.48 -20.04 -0.94
N PHE A 565 -8.56 -20.62 -1.68
CA PHE A 565 -7.20 -20.11 -1.75
C PHE A 565 -7.14 -18.75 -2.44
N THR A 566 -6.22 -17.91 -1.99
CA THR A 566 -6.09 -16.62 -2.61
C THR A 566 -5.57 -16.70 -4.04
N LEU A 567 -4.73 -17.66 -4.36
CA LEU A 567 -4.29 -17.87 -5.76
C LEU A 567 -4.72 -19.24 -6.23
N ASN A 568 -5.44 -19.30 -7.34
CA ASN A 568 -5.63 -20.60 -8.00
C ASN A 568 -4.79 -20.61 -9.25
N LEU A 569 -3.90 -21.58 -9.31
CA LEU A 569 -2.88 -21.65 -10.32
C LEU A 569 -3.31 -22.68 -11.39
CA ALA B 1 -5.93 13.84 -8.47
C ALA B 1 -5.70 13.19 -7.13
N GLY B 2 -6.64 12.43 -6.64
CA GLY B 2 -6.48 11.79 -5.36
C GLY B 2 -5.78 10.43 -5.37
N THR B 3 -5.18 10.13 -4.24
CA THR B 3 -4.70 8.82 -3.94
C THR B 3 -5.84 7.90 -3.54
N THR B 4 -5.61 6.63 -3.68
CA THR B 4 -6.56 5.68 -3.11
C THR B 4 -6.42 5.69 -1.60
N PRO B 5 -7.51 5.42 -0.87
CA PRO B 5 -7.49 5.25 0.59
C PRO B 5 -6.39 4.27 0.99
N SER B 6 -5.57 4.71 1.96
CA SER B 6 -4.28 4.07 2.29
C SER B 6 -4.54 3.31 3.59
N PRO B 7 -3.86 2.17 3.72
CA PRO B 7 -4.11 1.36 4.89
C PRO B 7 -3.31 1.84 6.12
N VAL B 8 -3.93 1.95 7.30
CA VAL B 8 -3.18 2.36 8.56
C VAL B 8 -2.00 1.38 8.75
N PRO B 9 -0.78 1.85 9.09
CA PRO B 9 0.36 0.91 9.24
C PRO B 9 0.17 -0.02 10.43
N THR B 10 -0.22 -1.25 10.18
CA THR B 10 -0.39 -2.26 11.22
CA THR B 10 -0.45 -2.25 11.21
C THR B 10 -0.10 -3.62 10.64
N THR B 11 0.06 -4.60 11.50
CA THR B 11 0.34 -5.97 11.10
C THR B 11 -0.27 -6.91 12.14
N SER B 12 0.00 -8.18 11.99
CA SER B 12 -0.46 -9.15 12.99
C SER B 12 0.00 -8.79 14.39
N THR B 13 -0.84 -9.06 15.38
CA THR B 13 -0.42 -8.85 16.76
C THR B 13 0.22 -10.06 17.40
N THR B 14 0.49 -11.10 16.62
CA THR B 14 1.29 -12.21 17.08
C THR B 14 2.46 -12.52 16.18
N SER B 15 3.38 -13.35 16.68
CA SER B 15 4.56 -13.78 15.91
C SER B 15 4.37 -15.13 15.27
N ALA B 16 4.84 -15.30 14.06
CA ALA B 16 4.87 -16.61 13.45
C ALA B 16 5.81 -17.63 14.13
N ALA B 17 5.53 -18.92 13.94
#